data_4ZV1
#
_entry.id   4ZV1
#
_cell.length_a   41.460
_cell.length_b   60.410
_cell.length_c   103.990
_cell.angle_alpha   90.00
_cell.angle_beta   90.00
_cell.angle_gamma   90.00
#
_symmetry.space_group_name_H-M   'P 21 21 21'
#
loop_
_entity.id
_entity.type
_entity.pdbx_description
1 polymer AncQR
2 non-polymer ARGININE
3 water water
#
_entity_poly.entity_id   1
_entity_poly.type   'polypeptide(L)'
_entity_poly.pdbx_seq_one_letter_code
;MHHHHHHMRGTLRVGTEATFPPFGFKDENGKLVGFDIDLAKAIAKKLGVKVEFKPMDFDGIIPALQSGKIDVVIAGMTIT
EERKKQVDFSDPYFEAGQAIVVKKGNDSIKSLEDLKGKKVGVQLGSTSEQHVKKVAKDAGVKVKKFDNFSEAFQELKSGR
VDAVVTDNAVALAYVKQNPNAGVKIVGETFSGEPYGIAVRKGNSELLEKINKALEEMKKDGTYDKIYEKWFGE
;
_entity_poly.pdbx_strand_id   A
#
# COMPACT_ATOMS: atom_id res chain seq x y z
N HIS A 7 -7.00 22.41 21.67
CA HIS A 7 -5.56 22.01 21.41
C HIS A 7 -5.26 21.87 19.92
N MET A 8 -4.22 22.59 19.51
CA MET A 8 -3.75 22.61 18.14
C MET A 8 -2.56 21.61 17.93
N ARG A 9 -2.75 20.45 17.25
CA ARG A 9 -1.62 19.45 17.15
C ARG A 9 -0.58 19.94 16.15
N GLY A 10 0.65 20.16 16.58
CA GLY A 10 1.71 20.63 15.67
C GLY A 10 2.42 19.48 14.96
N THR A 11 2.29 18.25 15.47
CA THR A 11 2.86 17.03 14.87
C THR A 11 1.74 16.09 14.47
N LEU A 12 1.78 15.68 13.21
N LEU A 12 1.56 15.71 13.20
CA LEU A 12 0.86 14.73 12.66
CA LEU A 12 0.65 14.60 12.93
C LEU A 12 1.58 13.34 12.65
C LEU A 12 1.49 13.38 12.69
N ARG A 13 1.16 12.38 13.48
CA ARG A 13 1.80 11.06 13.54
C ARG A 13 1.15 10.26 12.42
N VAL A 14 1.93 9.90 11.40
CA VAL A 14 1.41 9.24 10.21
C VAL A 14 1.81 7.80 10.22
N GLY A 15 0.85 6.90 10.33
CA GLY A 15 1.07 5.46 10.27
C GLY A 15 1.25 5.07 8.82
N THR A 16 2.31 4.28 8.55
CA THR A 16 2.55 3.77 7.24
C THR A 16 3.31 2.44 7.30
N GLU A 17 3.47 1.79 6.17
CA GLU A 17 4.33 0.59 6.07
C GLU A 17 5.26 0.81 4.89
N ALA A 18 6.53 0.53 5.11
CA ALA A 18 7.60 0.95 4.20
C ALA A 18 8.27 -0.18 3.39
N THR A 19 7.46 -1.14 2.97
CA THR A 19 7.85 -2.19 2.00
C THR A 19 6.95 -2.16 0.76
N PHE A 20 6.61 -0.94 0.31
CA PHE A 20 5.55 -0.80 -0.64
C PHE A 20 5.99 0.31 -1.63
N PRO A 21 7.12 0.09 -2.35
CA PRO A 21 7.52 1.03 -3.37
C PRO A 21 6.49 0.99 -4.54
N PRO A 22 6.17 2.12 -5.15
CA PRO A 22 6.76 3.43 -5.03
C PRO A 22 6.12 4.34 -4.03
N PHE A 23 5.21 3.80 -3.22
CA PHE A 23 4.46 4.64 -2.30
C PHE A 23 5.21 4.90 -1.00
N GLY A 24 5.86 3.91 -0.46
CA GLY A 24 6.63 4.07 0.83
C GLY A 24 7.64 2.97 0.90
N PHE A 25 8.90 3.37 0.99
CA PHE A 25 10.01 2.44 1.08
C PHE A 25 11.21 3.19 1.63
N LYS A 26 12.34 2.47 1.78
CA LYS A 26 13.56 3.09 2.31
C LYS A 26 14.57 3.17 1.23
N ASP A 27 15.18 4.33 1.16
CA ASP A 27 16.31 4.50 0.25
C ASP A 27 17.62 3.82 0.84
N GLU A 28 18.73 3.95 0.12
CA GLU A 28 20.01 3.33 0.57
C GLU A 28 20.57 3.85 1.90
N ASN A 29 20.18 5.06 2.29
CA ASN A 29 20.50 5.58 3.58
C ASN A 29 19.53 5.30 4.64
N GLY A 30 18.45 4.55 4.28
CA GLY A 30 17.45 4.19 5.28
C GLY A 30 16.37 5.22 5.43
N LYS A 31 16.36 6.24 4.60
CA LYS A 31 15.36 7.35 4.74
C LYS A 31 14.09 6.83 4.08
N LEU A 32 12.98 7.17 4.71
CA LEU A 32 11.63 6.92 4.11
CA LEU A 32 11.67 6.90 4.16
C LEU A 32 11.41 7.82 2.95
N VAL A 33 11.05 7.23 1.82
CA VAL A 33 10.78 7.89 0.59
C VAL A 33 9.55 7.28 -0.07
N GLY A 34 8.97 8.04 -1.02
CA GLY A 34 7.89 7.52 -1.87
C GLY A 34 6.75 8.50 -2.05
N PHE A 35 5.84 8.13 -2.94
CA PHE A 35 4.69 8.96 -3.22
C PHE A 35 3.90 9.30 -1.98
N ASP A 36 3.57 8.32 -1.18
CA ASP A 36 2.83 8.53 0.06
C ASP A 36 3.58 9.40 1.05
N ILE A 37 4.88 9.27 1.11
CA ILE A 37 5.70 10.09 1.96
C ILE A 37 5.65 11.56 1.52
N ASP A 38 5.80 11.78 0.23
CA ASP A 38 5.73 13.13 -0.31
C ASP A 38 4.30 13.67 -0.12
N LEU A 39 3.26 12.87 -0.36
CA LEU A 39 1.93 13.34 -0.18
C LEU A 39 1.68 13.79 1.26
N ALA A 40 2.11 12.97 2.21
CA ALA A 40 1.98 13.26 3.67
C ALA A 40 2.68 14.64 4.00
N LYS A 41 3.83 14.84 3.45
CA LYS A 41 4.51 16.07 3.73
C LYS A 41 3.75 17.25 3.12
N ALA A 42 3.17 17.07 1.94
CA ALA A 42 2.49 18.14 1.25
C ALA A 42 1.17 18.47 1.94
N ILE A 43 0.48 17.47 2.44
CA ILE A 43 -0.72 17.62 3.28
CA ILE A 43 -0.71 17.73 3.24
C ILE A 43 -0.34 18.41 4.56
N ALA A 44 0.70 17.97 5.23
CA ALA A 44 1.11 18.64 6.50
C ALA A 44 1.42 20.10 6.18
N LYS A 45 2.06 20.43 5.07
CA LYS A 45 2.40 21.80 4.73
C LYS A 45 1.12 22.59 4.57
N LYS A 46 0.10 22.04 3.89
CA LYS A 46 -1.17 22.71 3.77
C LYS A 46 -1.86 22.95 5.12
N LEU A 47 -1.73 22.00 6.06
CA LEU A 47 -2.31 22.11 7.36
C LEU A 47 -1.46 23.00 8.26
N GLY A 48 -0.26 23.37 7.89
CA GLY A 48 0.59 24.14 8.75
C GLY A 48 1.19 23.40 9.92
N VAL A 49 1.41 22.12 9.75
CA VAL A 49 1.94 21.22 10.77
C VAL A 49 3.06 20.36 10.26
N LYS A 50 3.70 19.61 11.17
CA LYS A 50 4.87 18.76 10.81
C LYS A 50 4.44 17.28 10.86
N VAL A 51 4.90 16.48 9.90
CA VAL A 51 4.69 15.03 9.96
CA VAL A 51 4.73 15.04 9.90
C VAL A 51 5.77 14.33 10.75
N GLU A 52 5.32 13.33 11.49
CA GLU A 52 6.22 12.35 12.14
C GLU A 52 5.76 10.97 11.60
N PHE A 53 6.62 10.24 10.89
CA PHE A 53 6.18 8.91 10.41
C PHE A 53 6.33 7.88 11.48
N LYS A 54 5.40 6.94 11.46
CA LYS A 54 5.37 5.81 12.39
C LYS A 54 5.25 4.59 11.48
N PRO A 55 6.37 4.06 10.99
CA PRO A 55 6.34 2.82 10.17
C PRO A 55 6.01 1.64 11.08
N MET A 56 5.18 0.76 10.54
CA MET A 56 4.75 -0.41 11.29
C MET A 56 4.25 -1.46 10.26
N ASP A 57 4.05 -2.67 10.75
CA ASP A 57 3.47 -3.67 9.90
C ASP A 57 2.05 -3.26 9.52
N PHE A 58 1.69 -3.54 8.23
CA PHE A 58 0.49 -3.06 7.68
C PHE A 58 -0.79 -3.43 8.45
N ASP A 59 -0.88 -4.69 8.81
CA ASP A 59 -2.01 -5.26 9.49
CA ASP A 59 -2.10 -5.17 9.42
C ASP A 59 -2.36 -4.56 10.80
N GLY A 60 -1.33 -3.97 11.39
CA GLY A 60 -1.50 -3.27 12.62
C GLY A 60 -1.86 -1.79 12.58
N ILE A 61 -1.95 -1.28 11.37
CA ILE A 61 -2.20 0.16 11.21
C ILE A 61 -3.55 0.62 11.70
N ILE A 62 -4.63 -0.03 11.30
CA ILE A 62 -5.97 0.35 11.74
C ILE A 62 -6.06 0.33 13.27
N PRO A 63 -5.69 -0.81 13.92
CA PRO A 63 -5.68 -0.74 15.38
C PRO A 63 -4.80 0.34 16.02
N ALA A 64 -3.67 0.68 15.39
CA ALA A 64 -2.84 1.72 15.90
C ALA A 64 -3.63 3.05 15.86
N LEU A 65 -4.39 3.29 14.80
CA LEU A 65 -5.22 4.51 14.71
C LEU A 65 -6.32 4.45 15.74
N GLN A 66 -6.94 3.30 15.90
CA GLN A 66 -8.05 3.24 16.87
C GLN A 66 -7.57 3.48 18.29
N SER A 67 -6.39 3.04 18.65
CA SER A 67 -5.80 3.14 20.01
C SER A 67 -4.96 4.38 20.25
N GLY A 68 -4.95 5.29 19.30
CA GLY A 68 -4.26 6.57 19.55
C GLY A 68 -2.78 6.61 19.44
N LYS A 69 -2.21 5.65 18.69
CA LYS A 69 -0.77 5.58 18.42
CA LYS A 69 -0.79 5.64 18.49
C LYS A 69 -0.35 6.49 17.28
N ILE A 70 -1.31 6.77 16.40
CA ILE A 70 -1.10 7.58 15.22
C ILE A 70 -2.34 8.46 15.03
N ASP A 71 -2.18 9.53 14.25
CA ASP A 71 -3.30 10.48 13.95
C ASP A 71 -3.93 10.26 12.60
N VAL A 72 -3.15 9.72 11.68
CA VAL A 72 -3.62 9.52 10.30
CA VAL A 72 -3.54 9.60 10.29
C VAL A 72 -2.87 8.33 9.70
N VAL A 73 -3.53 7.75 8.68
CA VAL A 73 -2.91 6.66 7.88
C VAL A 73 -2.70 7.16 6.46
N ILE A 74 -1.49 6.98 6.02
CA ILE A 74 -1.18 7.24 4.58
C ILE A 74 -0.27 6.06 4.21
N ALA A 75 -0.81 5.02 3.61
CA ALA A 75 -0.17 3.71 3.53
C ALA A 75 -0.70 2.94 2.31
N GLY A 76 -1.02 3.62 1.21
CA GLY A 76 -1.65 2.98 0.10
C GLY A 76 -2.87 2.16 0.39
N MET A 77 -3.69 2.70 1.25
CA MET A 77 -4.77 1.93 1.85
C MET A 77 -6.02 2.09 1.03
N THR A 78 -6.47 0.98 0.48
CA THR A 78 -7.72 0.92 -0.27
C THR A 78 -8.89 1.21 0.67
N ILE A 79 -9.79 2.11 0.15
CA ILE A 79 -11.08 2.37 0.81
C ILE A 79 -12.01 1.20 0.55
N THR A 80 -12.38 0.46 1.62
CA THR A 80 -13.33 -0.65 1.53
C THR A 80 -14.47 -0.43 2.53
N GLU A 81 -15.61 -1.06 2.24
CA GLU A 81 -16.70 -0.97 3.20
C GLU A 81 -16.39 -1.53 4.54
N GLU A 82 -15.66 -2.63 4.62
CA GLU A 82 -15.20 -3.22 5.94
C GLU A 82 -14.37 -2.20 6.70
N ARG A 83 -13.39 -1.54 6.02
CA ARG A 83 -12.63 -0.61 6.78
C ARG A 83 -13.33 0.69 7.15
N LYS A 84 -14.31 1.09 6.37
CA LYS A 84 -15.12 2.28 6.67
C LYS A 84 -15.89 2.05 7.99
N LYS A 85 -16.11 0.81 8.40
CA LYS A 85 -16.72 0.56 9.71
C LYS A 85 -15.77 0.95 10.86
N GLN A 86 -14.45 0.92 10.60
CA GLN A 86 -13.40 1.06 11.57
C GLN A 86 -12.80 2.44 11.63
N VAL A 87 -12.70 3.08 10.49
CA VAL A 87 -12.00 4.34 10.36
C VAL A 87 -12.78 5.23 9.38
N ASP A 88 -12.49 6.54 9.32
CA ASP A 88 -13.06 7.38 8.32
C ASP A 88 -11.98 7.74 7.28
N PHE A 89 -12.37 7.72 6.04
CA PHE A 89 -11.45 7.96 4.95
C PHE A 89 -11.63 9.30 4.30
N SER A 90 -10.58 9.96 3.82
CA SER A 90 -10.62 11.09 2.92
C SER A 90 -11.22 10.66 1.56
N ASP A 91 -11.50 11.65 0.77
CA ASP A 91 -11.72 11.45 -0.68
C ASP A 91 -10.51 10.67 -1.23
N PRO A 92 -10.77 9.80 -2.20
CA PRO A 92 -9.64 9.05 -2.73
C PRO A 92 -8.54 9.92 -3.31
N TYR A 93 -7.27 9.53 -3.16
CA TYR A 93 -6.19 10.31 -3.66
C TYR A 93 -5.35 9.63 -4.76
N PHE A 94 -5.73 8.41 -5.10
CA PHE A 94 -4.98 7.59 -6.07
C PHE A 94 -5.95 6.43 -6.42
N GLU A 95 -5.87 5.95 -7.66
CA GLU A 95 -6.61 4.78 -8.05
C GLU A 95 -5.64 3.73 -8.58
N ALA A 96 -5.51 2.66 -7.83
CA ALA A 96 -4.64 1.55 -8.20
C ALA A 96 -5.43 0.35 -8.69
N GLY A 97 -4.72 -0.62 -9.25
CA GLY A 97 -5.27 -1.93 -9.55
C GLY A 97 -4.51 -3.02 -8.87
N GLN A 98 -4.43 -4.19 -9.52
CA GLN A 98 -3.79 -5.38 -8.91
C GLN A 98 -2.92 -5.99 -9.96
N ALA A 99 -1.99 -6.86 -9.56
CA ALA A 99 -1.17 -7.63 -10.51
C ALA A 99 -0.71 -8.88 -9.83
N ILE A 100 -0.36 -9.85 -10.64
CA ILE A 100 0.26 -11.11 -10.21
C ILE A 100 1.64 -11.15 -10.78
N VAL A 101 2.64 -11.49 -9.96
CA VAL A 101 4.04 -11.65 -10.43
C VAL A 101 4.40 -13.16 -10.30
N VAL A 102 4.87 -13.61 -11.44
CA VAL A 102 5.29 -15.04 -11.67
C VAL A 102 6.67 -15.09 -12.34
N LYS A 103 7.25 -16.29 -12.36
CA LYS A 103 8.48 -16.51 -13.07
C LYS A 103 8.22 -16.42 -14.57
N LYS A 104 9.21 -15.89 -15.30
CA LYS A 104 9.09 -15.74 -16.76
C LYS A 104 8.75 -17.02 -17.47
N GLY A 105 9.24 -18.13 -17.02
CA GLY A 105 8.84 -19.38 -17.80
C GLY A 105 7.47 -19.97 -17.50
N ASN A 106 6.74 -19.29 -16.62
CA ASN A 106 5.44 -19.71 -16.30
C ASN A 106 4.39 -19.33 -17.36
N ASP A 107 3.69 -20.35 -17.86
CA ASP A 107 2.59 -20.20 -18.76
C ASP A 107 1.21 -20.50 -18.23
N SER A 108 1.09 -21.14 -17.07
CA SER A 108 -0.22 -21.57 -16.58
C SER A 108 -0.98 -20.42 -15.89
N ILE A 109 -0.25 -19.44 -15.36
CA ILE A 109 -0.93 -18.35 -14.56
C ILE A 109 -1.10 -17.06 -15.34
N LYS A 110 -2.33 -16.73 -15.64
CA LYS A 110 -2.75 -15.53 -16.35
C LYS A 110 -3.80 -14.73 -15.60
N SER A 111 -4.31 -15.21 -14.48
CA SER A 111 -5.38 -14.50 -13.74
C SER A 111 -5.48 -15.13 -12.40
N LEU A 112 -6.27 -14.54 -11.49
CA LEU A 112 -6.52 -15.06 -10.18
C LEU A 112 -7.10 -16.50 -10.19
N GLU A 113 -7.87 -16.77 -11.22
CA GLU A 113 -8.61 -18.06 -11.33
C GLU A 113 -7.55 -19.16 -11.46
N ASP A 114 -6.48 -18.85 -12.18
CA ASP A 114 -5.39 -19.83 -12.48
C ASP A 114 -4.50 -20.19 -11.28
N LEU A 115 -4.77 -19.61 -10.14
CA LEU A 115 -3.94 -19.89 -8.93
C LEU A 115 -4.30 -21.24 -8.24
N LYS A 116 -5.34 -21.91 -8.77
CA LYS A 116 -5.70 -23.26 -8.34
C LYS A 116 -4.53 -24.20 -8.19
N GLY A 117 -4.35 -24.73 -7.00
CA GLY A 117 -3.28 -25.70 -6.76
C GLY A 117 -1.87 -25.13 -6.60
N LYS A 118 -1.76 -23.81 -6.69
CA LYS A 118 -0.44 -23.15 -6.59
C LYS A 118 -0.20 -22.57 -5.20
N LYS A 119 1.06 -22.21 -4.95
CA LYS A 119 1.55 -21.51 -3.76
C LYS A 119 1.66 -20.04 -4.07
N VAL A 120 0.90 -19.22 -3.33
CA VAL A 120 0.71 -17.77 -3.64
C VAL A 120 1.06 -16.97 -2.39
N GLY A 121 1.95 -16.02 -2.53
CA GLY A 121 2.30 -15.07 -1.42
C GLY A 121 1.51 -13.75 -1.54
N VAL A 122 1.07 -13.31 -0.37
CA VAL A 122 0.31 -12.03 -0.20
C VAL A 122 0.69 -11.38 1.08
N GLN A 123 0.51 -10.05 1.13
CA GLN A 123 0.74 -9.26 2.39
C GLN A 123 -0.49 -9.42 3.28
N LEU A 124 -0.17 -9.75 4.56
CA LEU A 124 -1.13 -9.90 5.55
CA LEU A 124 -1.16 -9.91 5.58
C LEU A 124 -1.96 -8.62 5.80
N GLY A 125 -3.25 -8.77 5.75
CA GLY A 125 -4.15 -7.63 5.99
C GLY A 125 -4.52 -6.84 4.74
N SER A 126 -3.92 -7.22 3.59
CA SER A 126 -4.14 -6.49 2.34
C SER A 126 -5.44 -6.91 1.66
N THR A 127 -5.87 -6.06 0.73
CA THR A 127 -6.94 -6.41 -0.17
C THR A 127 -6.52 -7.55 -1.08
N SER A 128 -5.25 -7.63 -1.50
CA SER A 128 -4.83 -8.80 -2.29
C SER A 128 -5.06 -10.10 -1.54
N GLU A 129 -4.72 -10.12 -0.28
CA GLU A 129 -5.04 -11.29 0.55
C GLU A 129 -6.52 -11.67 0.39
N GLN A 130 -7.44 -10.71 0.55
CA GLN A 130 -8.86 -10.96 0.37
C GLN A 130 -9.23 -11.44 -0.99
N HIS A 131 -8.63 -10.88 -2.06
CA HIS A 131 -8.99 -11.29 -3.36
C HIS A 131 -8.52 -12.76 -3.56
N VAL A 132 -7.36 -13.09 -3.06
CA VAL A 132 -6.83 -14.44 -3.24
C VAL A 132 -7.71 -15.41 -2.44
N LYS A 133 -8.05 -15.03 -1.23
CA LYS A 133 -8.91 -15.91 -0.36
C LYS A 133 -10.22 -16.21 -1.05
N LYS A 134 -10.79 -15.27 -1.80
CA LYS A 134 -12.04 -15.49 -2.46
C LYS A 134 -11.91 -16.58 -3.51
N VAL A 135 -10.86 -16.58 -4.32
CA VAL A 135 -10.71 -17.63 -5.34
C VAL A 135 -10.22 -18.94 -4.74
N ALA A 136 -9.44 -18.84 -3.68
CA ALA A 136 -8.91 -20.01 -2.99
C ALA A 136 -9.99 -20.92 -2.33
N LYS A 137 -11.20 -20.40 -2.08
CA LYS A 137 -12.34 -21.22 -1.57
C LYS A 137 -12.57 -22.48 -2.45
N ASP A 138 -12.23 -23.63 -1.86
CA ASP A 138 -12.29 -24.95 -2.50
C ASP A 138 -11.08 -25.24 -3.43
N ALA A 139 -10.81 -24.33 -4.38
CA ALA A 139 -9.87 -24.56 -5.50
C ALA A 139 -8.44 -25.02 -5.15
N GLY A 140 -8.17 -25.31 -3.87
CA GLY A 140 -6.89 -25.89 -3.45
C GLY A 140 -5.67 -24.97 -3.47
N VAL A 141 -5.89 -23.64 -3.37
CA VAL A 141 -4.75 -22.70 -3.33
C VAL A 141 -4.04 -22.72 -1.98
N LYS A 142 -2.72 -22.73 -2.05
CA LYS A 142 -1.87 -22.66 -0.87
C LYS A 142 -1.39 -21.22 -0.61
N VAL A 143 -2.07 -20.53 0.31
CA VAL A 143 -1.81 -19.10 0.55
C VAL A 143 -0.81 -18.83 1.64
N LYS A 144 0.27 -18.21 1.30
CA LYS A 144 1.28 -17.86 2.23
C LYS A 144 1.29 -16.34 2.55
N LYS A 145 1.49 -15.88 3.82
N LYS A 145 0.78 -16.18 3.75
CA LYS A 145 1.43 -14.42 4.25
CA LYS A 145 0.51 -14.89 4.22
C LYS A 145 2.70 -13.73 4.80
C LYS A 145 1.76 -14.41 4.86
N PHE A 146 2.92 -12.47 4.42
N PHE A 146 2.12 -13.22 4.49
CA PHE A 146 4.16 -11.74 4.74
CA PHE A 146 3.34 -12.65 4.96
C PHE A 146 3.84 -10.34 5.22
C PHE A 146 3.11 -11.38 5.70
N ASP A 147 4.46 -9.95 6.33
N ASP A 147 3.94 -11.09 6.69
CA ASP A 147 4.44 -8.53 6.65
CA ASP A 147 3.85 -9.79 7.33
C ASP A 147 5.32 -7.74 5.70
C ASP A 147 4.11 -8.62 6.44
N ASN A 148 6.53 -8.23 5.46
N ASN A 148 4.97 -8.82 5.44
CA ASN A 148 7.47 -7.53 4.59
CA ASN A 148 5.16 -7.79 4.43
C ASN A 148 7.25 -8.00 3.17
C ASN A 148 5.41 -8.36 3.03
N PHE A 149 6.80 -7.13 2.28
N PHE A 149 5.27 -7.50 2.00
CA PHE A 149 6.54 -7.63 0.92
CA PHE A 149 5.32 -7.95 0.63
C PHE A 149 7.82 -7.96 0.10
C PHE A 149 6.78 -8.32 0.26
N SER A 150 8.92 -7.36 0.50
N SER A 150 7.81 -7.63 0.74
CA SER A 150 10.22 -7.67 -0.11
CA SER A 150 9.20 -7.96 0.43
C SER A 150 10.64 -9.13 0.18
C SER A 150 9.48 -9.44 0.75
N GLU A 151 10.19 -9.65 1.33
N GLU A 151 8.92 -9.92 1.86
CA GLU A 151 10.15 -11.17 1.62
CA GLU A 151 9.22 -11.26 2.33
C GLU A 151 8.90 -12.16 1.04
C GLU A 151 8.95 -12.04 1.06
N ALA A 152 7.70 -11.73 0.70
CA ALA A 152 6.89 -12.46 -0.27
C ALA A 152 7.62 -12.48 -1.62
N PHE A 153 8.17 -11.36 -2.13
CA PHE A 153 8.81 -11.28 -3.42
C PHE A 153 10.04 -12.25 -3.41
N GLN A 154 10.84 -12.20 -2.34
CA GLN A 154 12.03 -13.08 -2.32
CA GLN A 154 12.01 -13.09 -2.23
C GLN A 154 11.62 -14.55 -2.32
N GLU A 155 10.50 -14.91 -1.77
CA GLU A 155 9.96 -16.30 -1.83
C GLU A 155 9.59 -16.65 -3.29
N LEU A 156 9.09 -15.69 -4.03
CA LEU A 156 8.87 -15.94 -5.46
C LEU A 156 10.23 -16.17 -6.21
N LYS A 157 11.19 -15.28 -6.01
CA LYS A 157 12.46 -15.32 -6.73
CA LYS A 157 12.46 -15.31 -6.60
C LYS A 157 13.12 -16.70 -6.37
N SER A 158 12.99 -17.13 -5.16
CA SER A 158 13.70 -18.39 -4.68
C SER A 158 12.97 -19.65 -5.04
N GLY A 159 11.71 -19.55 -5.54
CA GLY A 159 10.97 -20.72 -5.87
C GLY A 159 10.11 -21.31 -4.76
N ARG A 160 10.00 -20.63 -3.60
CA ARG A 160 9.25 -21.11 -2.50
C ARG A 160 7.71 -20.88 -2.66
N VAL A 161 7.36 -19.88 -3.45
CA VAL A 161 5.99 -19.75 -3.99
C VAL A 161 6.03 -19.65 -5.50
N ASP A 162 4.87 -19.87 -6.11
CA ASP A 162 4.69 -19.84 -7.56
C ASP A 162 4.28 -18.41 -8.09
N ALA A 163 3.61 -17.65 -7.19
CA ALA A 163 3.14 -16.32 -7.59
C ALA A 163 3.07 -15.46 -6.32
N VAL A 164 3.10 -14.14 -6.53
CA VAL A 164 2.70 -13.21 -5.48
C VAL A 164 1.70 -12.24 -6.13
N VAL A 165 0.86 -11.64 -5.28
CA VAL A 165 -0.18 -10.73 -5.73
C VAL A 165 -0.07 -9.48 -4.89
N THR A 166 -0.08 -8.33 -5.53
CA THR A 166 -0.10 -7.04 -4.82
C THR A 166 -0.70 -5.97 -5.73
N ASP A 167 -0.65 -4.72 -5.28
CA ASP A 167 -1.17 -3.64 -6.04
C ASP A 167 -0.29 -3.38 -7.29
N ASN A 168 -0.84 -2.97 -8.43
CA ASN A 168 -0.08 -3.05 -9.69
C ASN A 168 1.16 -2.23 -9.79
N ALA A 169 1.16 -1.04 -9.19
CA ALA A 169 2.37 -0.21 -9.29
C ALA A 169 3.51 -0.81 -8.46
N VAL A 170 3.14 -1.53 -7.41
CA VAL A 170 4.11 -2.08 -6.47
C VAL A 170 4.70 -3.32 -7.13
N ALA A 171 3.85 -4.12 -7.76
CA ALA A 171 4.32 -5.29 -8.54
C ALA A 171 5.35 -4.78 -9.57
N LEU A 172 5.07 -3.69 -10.30
CA LEU A 172 5.99 -3.20 -11.34
C LEU A 172 7.30 -2.74 -10.68
N ALA A 173 7.21 -2.05 -9.53
CA ALA A 173 8.39 -1.54 -8.87
C ALA A 173 9.30 -2.72 -8.44
N TYR A 174 8.75 -3.79 -7.93
CA TYR A 174 9.54 -4.97 -7.57
C TYR A 174 10.16 -5.64 -8.78
N VAL A 175 9.44 -5.72 -9.86
CA VAL A 175 9.99 -6.31 -11.07
C VAL A 175 11.17 -5.44 -11.52
N LYS A 176 11.04 -4.13 -11.57
CA LYS A 176 12.06 -3.26 -12.05
C LYS A 176 13.27 -3.28 -11.16
N GLN A 177 13.09 -3.54 -9.87
CA GLN A 177 14.24 -3.69 -8.98
C GLN A 177 14.99 -4.99 -9.16
N ASN A 178 14.42 -5.95 -9.89
CA ASN A 178 14.97 -7.31 -10.01
C ASN A 178 15.13 -7.77 -11.44
N PRO A 179 15.90 -7.01 -12.22
CA PRO A 179 15.96 -7.27 -13.67
C PRO A 179 16.61 -8.59 -14.03
N ASN A 180 17.40 -9.16 -13.12
CA ASN A 180 18.02 -10.46 -13.44
C ASN A 180 17.24 -11.61 -12.84
N ALA A 181 16.05 -11.36 -12.27
CA ALA A 181 15.47 -12.40 -11.37
C ALA A 181 14.40 -13.24 -11.96
N GLY A 182 14.24 -13.03 -13.24
CA GLY A 182 13.45 -13.80 -14.12
C GLY A 182 11.98 -13.83 -13.78
N VAL A 183 11.42 -12.66 -13.51
CA VAL A 183 9.95 -12.59 -13.14
C VAL A 183 9.19 -11.65 -14.06
N LYS A 184 7.87 -11.72 -14.10
CA LYS A 184 7.01 -10.95 -14.97
C LYS A 184 5.62 -10.75 -14.33
N ILE A 185 4.99 -9.71 -14.79
CA ILE A 185 3.62 -9.40 -14.39
C ILE A 185 2.61 -10.06 -15.32
N VAL A 186 1.55 -10.63 -14.77
CA VAL A 186 0.40 -11.11 -15.49
C VAL A 186 -0.85 -10.69 -14.77
N GLY A 187 -1.98 -10.74 -15.47
CA GLY A 187 -3.26 -10.46 -14.87
C GLY A 187 -3.43 -9.05 -14.36
N GLU A 188 -2.73 -8.11 -14.94
CA GLU A 188 -2.80 -6.76 -14.43
C GLU A 188 -4.17 -6.12 -14.64
N THR A 189 -4.63 -5.43 -13.64
CA THR A 189 -5.75 -4.49 -13.78
C THR A 189 -5.30 -3.16 -13.30
N PHE A 190 -6.03 -2.10 -13.68
CA PHE A 190 -5.52 -0.71 -13.60
C PHE A 190 -6.26 0.18 -12.62
N SER A 191 -7.42 -0.26 -12.16
CA SER A 191 -8.26 0.42 -11.22
C SER A 191 -9.03 -0.61 -10.39
N GLY A 192 -9.79 -0.06 -9.44
CA GLY A 192 -10.49 -0.88 -8.52
C GLY A 192 -10.02 -0.80 -7.10
N GLU A 193 -8.89 -0.15 -6.84
CA GLU A 193 -8.34 0.02 -5.48
C GLU A 193 -8.12 1.51 -5.25
N PRO A 194 -9.18 2.22 -4.81
CA PRO A 194 -9.03 3.68 -4.53
C PRO A 194 -8.33 3.87 -3.19
N TYR A 195 -7.23 4.57 -3.17
CA TYR A 195 -6.50 4.80 -1.93
C TYR A 195 -7.07 6.00 -1.20
N GLY A 196 -7.20 5.85 0.11
CA GLY A 196 -7.70 6.93 0.95
C GLY A 196 -6.73 7.16 2.13
N ILE A 197 -6.78 8.40 2.65
CA ILE A 197 -6.10 8.77 3.93
C ILE A 197 -7.10 8.53 5.06
N ALA A 198 -6.74 7.76 6.08
CA ALA A 198 -7.65 7.43 7.16
C ALA A 198 -7.35 8.26 8.39
N VAL A 199 -8.44 8.66 9.03
CA VAL A 199 -8.45 9.30 10.38
C VAL A 199 -9.33 8.45 11.30
N ARG A 200 -9.10 8.68 12.60
CA ARG A 200 -9.90 7.94 13.57
C ARG A 200 -11.36 8.31 13.40
N LYS A 201 -12.15 7.29 13.47
CA LYS A 201 -13.58 7.42 13.30
C LYS A 201 -14.11 8.52 14.18
N GLY A 202 -14.81 9.42 13.50
CA GLY A 202 -15.41 10.60 14.23
C GLY A 202 -14.57 11.87 14.22
N ASN A 203 -13.31 11.80 13.74
CA ASN A 203 -12.42 12.95 13.77
C ASN A 203 -12.72 13.84 12.55
N SER A 204 -13.93 14.48 12.56
CA SER A 204 -14.41 15.18 11.39
C SER A 204 -13.59 16.43 11.15
N GLU A 205 -13.04 17.05 12.18
CA GLU A 205 -12.28 18.30 11.97
C GLU A 205 -10.99 18.06 11.15
N LEU A 206 -10.32 17.02 11.55
CA LEU A 206 -9.09 16.63 10.82
C LEU A 206 -9.43 16.15 9.42
N LEU A 207 -10.47 15.32 9.30
CA LEU A 207 -10.87 14.85 7.99
C LEU A 207 -11.15 15.96 7.01
N GLU A 208 -11.95 16.93 7.44
CA GLU A 208 -12.25 18.04 6.57
C GLU A 208 -11.05 18.81 6.13
N LYS A 209 -10.09 19.03 7.03
CA LYS A 209 -8.86 19.72 6.68
C LYS A 209 -8.03 18.94 5.63
N ILE A 210 -7.98 17.63 5.78
CA ILE A 210 -7.29 16.82 4.83
C ILE A 210 -8.00 16.82 3.50
N ASN A 211 -9.31 16.69 3.48
CA ASN A 211 -9.99 16.78 2.19
C ASN A 211 -9.79 18.11 1.52
N LYS A 212 -9.82 19.20 2.28
CA LYS A 212 -9.59 20.52 1.68
C LYS A 212 -8.18 20.62 1.13
N ALA A 213 -7.19 20.08 1.85
CA ALA A 213 -5.80 20.05 1.40
C ALA A 213 -5.62 19.26 0.11
N LEU A 214 -6.22 18.09 0.02
CA LEU A 214 -6.20 17.30 -1.23
CA LEU A 214 -6.14 17.33 -1.18
C LEU A 214 -6.77 18.08 -2.38
N GLU A 215 -7.93 18.70 -2.16
CA GLU A 215 -8.65 19.43 -3.23
C GLU A 215 -7.74 20.57 -3.67
N GLU A 216 -7.07 21.29 -2.77
CA GLU A 216 -6.22 22.36 -3.14
C GLU A 216 -4.97 21.88 -3.88
N MET A 217 -4.39 20.78 -3.41
CA MET A 217 -3.24 20.22 -4.05
C MET A 217 -3.54 19.84 -5.52
N LYS A 218 -4.77 19.36 -5.75
CA LYS A 218 -5.18 18.96 -7.13
C LYS A 218 -5.49 20.16 -7.95
N LYS A 219 -5.76 21.30 -7.39
CA LYS A 219 -6.00 22.54 -8.18
C LYS A 219 -4.78 23.35 -8.41
N ASP A 220 -3.77 23.32 -7.55
CA ASP A 220 -2.62 24.24 -7.61
C ASP A 220 -1.33 23.68 -8.16
N GLY A 221 -1.40 22.44 -8.66
CA GLY A 221 -0.25 21.78 -9.27
C GLY A 221 0.55 20.87 -8.36
N THR A 222 0.31 20.98 -7.07
CA THR A 222 1.11 20.28 -6.04
CA THR A 222 1.17 20.26 -6.13
C THR A 222 1.02 18.75 -6.22
N TYR A 223 -0.23 18.26 -6.36
CA TYR A 223 -0.45 16.82 -6.51
C TYR A 223 0.16 16.28 -7.79
N ASP A 224 -0.12 16.99 -8.87
CA ASP A 224 0.38 16.56 -10.20
C ASP A 224 1.86 16.49 -10.20
N LYS A 225 2.58 17.41 -9.49
CA LYS A 225 4.07 17.31 -9.49
C LYS A 225 4.53 16.06 -8.73
N ILE A 226 3.84 15.70 -7.64
CA ILE A 226 4.16 14.48 -6.92
C ILE A 226 3.96 13.28 -7.81
N TYR A 227 2.82 13.22 -8.48
CA TYR A 227 2.51 12.15 -9.38
C TYR A 227 3.56 11.98 -10.47
N GLU A 228 3.96 13.12 -11.09
CA GLU A 228 4.95 13.05 -12.19
C GLU A 228 6.29 12.64 -11.65
N LYS A 229 6.62 12.99 -10.42
CA LYS A 229 7.90 12.59 -9.87
C LYS A 229 8.00 11.08 -9.84
N TRP A 230 6.96 10.39 -9.42
CA TRP A 230 6.93 8.95 -9.19
C TRP A 230 6.46 8.12 -10.33
N PHE A 231 5.66 8.70 -11.24
CA PHE A 231 5.06 7.97 -12.33
C PHE A 231 5.37 8.59 -13.72
N GLY A 232 6.04 9.72 -13.80
CA GLY A 232 6.20 10.39 -15.13
C GLY A 232 7.03 9.54 -16.08
N ARG B . -3.95 -1.31 -1.26
CA ARG B . -3.79 -2.58 -0.45
C ARG B . -4.63 -2.51 0.76
O ARG B . -4.84 -3.58 1.45
CB ARG B . -2.37 -2.82 -0.02
CG ARG B . -1.77 -1.61 0.73
CD ARG B . -0.46 -1.97 1.41
NE ARG B . 0.29 -0.80 1.83
CZ ARG B . 1.48 -0.81 2.41
NH1 ARG B . 2.08 0.33 2.71
NH2 ARG B . 2.07 -1.96 2.59
OXT ARG B . -5.17 -1.44 1.12
#